data_3IVQ
#
_entry.id   3IVQ
#
_cell.length_a   57.703
_cell.length_b   59.829
_cell.length_c   151.164
_cell.angle_alpha   90.00
_cell.angle_beta   90.00
_cell.angle_gamma   90.00
#
_symmetry.space_group_name_H-M   'C 2 2 21'
#
loop_
_entity.id
_entity.type
_entity.pdbx_description
1 polymer 'Speckle-type POZ protein'
2 polymer CiSBC2
3 water water
#
loop_
_entity_poly.entity_id
_entity_poly.type
_entity_poly.pdbx_seq_one_letter_code
_entity_poly.pdbx_strand_id
1 'polypeptide(L)'
;GSGGSGKVVKFSYMWTINNFSFCREEMGEVIKSSTFSSGANDKLKWCLRVNPKGLDEESKDYLSLYLLLVSCPKSEVRAK
FKFSILNAKGEETKAMESQRAYRFVQGKDWGFKKFIRRDFLLDEANGLLPDDKLTLFCEVSVVQD
;
A,B
2 'polypeptide(L)' NTLFPDVSSSTH C,D
#
# COMPACT_ATOMS: atom_id res chain seq x y z
N GLY A 4 35.41 17.96 19.87
CA GLY A 4 35.35 16.60 19.26
C GLY A 4 34.70 16.51 17.89
N SER A 5 35.53 16.35 16.86
CA SER A 5 35.08 16.25 15.47
C SER A 5 34.69 14.82 15.07
N GLY A 6 33.39 14.54 15.02
CA GLY A 6 32.92 13.21 14.67
C GLY A 6 31.95 13.11 13.50
N LYS A 7 31.77 11.88 13.01
CA LYS A 7 30.87 11.62 11.88
C LYS A 7 30.27 10.21 11.93
N VAL A 8 29.03 10.08 11.47
CA VAL A 8 28.40 8.78 11.40
C VAL A 8 28.82 8.31 10.01
N VAL A 9 29.72 7.34 9.97
CA VAL A 9 30.26 6.84 8.72
C VAL A 9 29.63 5.54 8.21
N LYS A 10 28.84 4.90 9.05
CA LYS A 10 28.17 3.64 8.71
C LYS A 10 26.87 3.49 9.48
N PHE A 11 25.87 2.90 8.82
CA PHE A 11 24.61 2.67 9.50
C PHE A 11 23.80 1.62 8.75
N SER A 12 22.95 0.93 9.49
CA SER A 12 22.11 -0.12 8.92
C SER A 12 20.65 0.16 9.21
N TYR A 13 19.85 0.17 8.15
CA TYR A 13 18.43 0.41 8.28
C TYR A 13 17.65 -0.87 8.00
N MET A 14 16.78 -1.24 8.92
CA MET A 14 15.96 -2.44 8.77
C MET A 14 14.54 -1.96 8.47
N TRP A 15 13.93 -2.55 7.45
CA TRP A 15 12.59 -2.17 7.01
C TRP A 15 11.67 -3.37 6.76
N THR A 16 10.55 -3.41 7.47
CA THR A 16 9.61 -4.52 7.30
C THR A 16 8.31 -4.08 6.64
N ILE A 17 7.96 -4.79 5.58
CA ILE A 17 6.75 -4.54 4.82
C ILE A 17 5.77 -5.67 5.13
N ASN A 18 4.73 -5.35 5.90
CA ASN A 18 3.72 -6.32 6.31
C ASN A 18 2.76 -6.68 5.19
N ASN A 19 2.17 -7.88 5.29
CA ASN A 19 1.22 -8.37 4.29
C ASN A 19 1.74 -8.10 2.87
N PHE A 20 3.00 -8.44 2.65
CA PHE A 20 3.65 -8.23 1.37
C PHE A 20 2.86 -8.76 0.17
N SER A 21 2.17 -9.88 0.35
CA SER A 21 1.39 -10.46 -0.74
C SER A 21 0.19 -9.58 -1.10
N PHE A 22 -0.18 -8.68 -0.20
CA PHE A 22 -1.29 -7.74 -0.39
C PHE A 22 -0.82 -6.56 -1.24
N CYS A 23 0.50 -6.39 -1.35
CA CYS A 23 1.06 -5.29 -2.13
C CYS A 23 0.91 -5.58 -3.61
N ARG A 24 -0.22 -5.16 -4.18
CA ARG A 24 -0.48 -5.43 -5.59
C ARG A 24 0.01 -4.37 -6.58
N GLU A 25 0.83 -3.42 -6.12
CA GLU A 25 1.36 -2.38 -7.01
C GLU A 25 1.87 -3.03 -8.30
N GLU A 26 1.55 -2.42 -9.45
CA GLU A 26 1.96 -2.96 -10.74
C GLU A 26 3.36 -2.49 -11.15
N MET A 27 3.93 -3.14 -12.18
CA MET A 27 5.26 -2.80 -12.67
C MET A 27 5.48 -1.30 -12.75
N GLY A 28 6.51 -0.82 -12.08
CA GLY A 28 6.81 0.60 -12.12
C GLY A 28 6.15 1.39 -11.01
N GLU A 29 5.30 0.75 -10.22
CA GLU A 29 4.65 1.44 -9.11
C GLU A 29 5.63 1.23 -7.95
N VAL A 30 5.68 2.16 -7.00
CA VAL A 30 6.66 2.01 -5.92
C VAL A 30 6.14 2.15 -4.48
N ILE A 31 6.92 1.62 -3.55
CA ILE A 31 6.62 1.69 -2.13
C ILE A 31 7.81 2.41 -1.47
N LYS A 32 7.53 3.53 -0.84
CA LYS A 32 8.60 4.27 -0.19
C LYS A 32 8.59 3.97 1.29
N SER A 33 9.75 3.96 1.92
CA SER A 33 9.81 3.74 3.36
C SER A 33 9.76 5.15 3.92
N SER A 34 9.65 5.29 5.23
CA SER A 34 9.63 6.62 5.81
C SER A 34 11.07 7.10 5.63
N THR A 35 11.29 8.40 5.80
CA THR A 35 12.62 8.96 5.65
C THR A 35 13.41 8.78 6.93
N PHE A 36 14.68 8.39 6.81
CA PHE A 36 15.55 8.23 7.96
C PHE A 36 16.84 9.03 7.76
N SER A 37 17.41 9.50 8.86
CA SER A 37 18.57 10.37 8.80
C SER A 37 19.81 9.70 9.39
N SER A 38 20.98 10.13 8.95
CA SER A 38 22.24 9.70 9.55
C SER A 38 23.12 10.90 9.90
N GLY A 39 23.89 10.76 10.97
CA GLY A 39 23.70 11.60 12.15
C GLY A 39 24.83 12.60 12.34
N ALA A 40 24.73 13.40 13.40
CA ALA A 40 25.75 14.40 13.69
C ALA A 40 25.49 15.69 12.92
N LYS A 43 22.14 15.27 9.45
CA LYS A 43 22.84 15.92 8.30
C LYS A 43 22.31 15.35 7.00
N LEU A 44 22.38 14.03 6.88
CA LEU A 44 21.92 13.34 5.69
C LEU A 44 20.56 12.68 5.88
N LYS A 45 19.70 12.81 4.89
CA LYS A 45 18.39 12.18 4.97
C LYS A 45 18.25 11.20 3.81
N TRP A 46 17.70 10.01 4.11
CA TRP A 46 17.50 8.95 3.12
C TRP A 46 16.16 8.23 3.24
N CYS A 47 15.83 7.46 2.22
CA CYS A 47 14.62 6.64 2.25
C CYS A 47 14.86 5.49 1.28
N LEU A 48 14.07 4.43 1.43
CA LEU A 48 14.19 3.29 0.56
C LEU A 48 12.99 3.27 -0.37
N ARG A 49 13.16 2.63 -1.52
CA ARG A 49 12.09 2.51 -2.49
C ARG A 49 12.13 1.11 -3.09
N VAL A 50 11.00 0.42 -3.04
CA VAL A 50 10.94 -0.90 -3.62
C VAL A 50 9.79 -0.97 -4.61
N ASN A 51 10.02 -1.69 -5.70
CA ASN A 51 9.02 -1.89 -6.74
C ASN A 51 8.67 -3.36 -6.63
N PRO A 52 7.59 -3.68 -5.91
CA PRO A 52 7.12 -5.05 -5.70
C PRO A 52 7.07 -5.86 -6.98
N LYS A 53 6.71 -5.20 -8.07
CA LYS A 53 6.61 -5.88 -9.36
C LYS A 53 7.51 -5.36 -10.47
N GLY A 54 8.71 -4.94 -10.08
CA GLY A 54 9.65 -4.44 -11.06
C GLY A 54 9.46 -2.98 -11.38
N LEU A 55 10.55 -2.36 -11.81
CA LEU A 55 10.53 -0.97 -12.18
C LEU A 55 10.06 -0.90 -13.63
N ASP A 56 10.51 -1.88 -14.40
CA ASP A 56 10.21 -1.98 -15.82
C ASP A 56 10.22 -3.41 -16.38
N GLU A 57 9.97 -3.50 -17.68
CA GLU A 57 9.93 -4.77 -18.40
C GLU A 57 11.16 -5.61 -18.13
N GLU A 58 12.32 -4.99 -18.26
CA GLU A 58 13.58 -5.68 -17.97
C GLU A 58 13.55 -6.40 -16.63
N SER A 59 12.80 -5.84 -15.70
CA SER A 59 12.67 -6.40 -14.35
C SER A 59 11.25 -6.79 -13.96
N LYS A 60 10.43 -7.11 -14.95
CA LYS A 60 9.04 -7.50 -14.70
C LYS A 60 8.88 -8.63 -13.68
N ASP A 61 9.82 -9.58 -13.66
CA ASP A 61 9.74 -10.70 -12.74
C ASP A 61 10.55 -10.48 -11.46
N TYR A 62 11.02 -9.25 -11.29
CA TYR A 62 11.83 -8.91 -10.14
C TYR A 62 11.24 -7.84 -9.25
N LEU A 63 11.77 -7.80 -8.03
CA LEU A 63 11.41 -6.79 -7.07
C LEU A 63 12.63 -5.86 -7.23
N SER A 64 12.39 -4.57 -7.34
CA SER A 64 13.48 -3.60 -7.49
C SER A 64 13.70 -2.86 -6.18
N LEU A 65 14.95 -2.69 -5.79
CA LEU A 65 15.27 -2.05 -4.54
C LEU A 65 16.25 -0.90 -4.67
N TYR A 66 15.87 0.26 -4.13
CA TYR A 66 16.70 1.46 -4.20
C TYR A 66 16.87 2.27 -2.93
N LEU A 67 18.04 2.91 -2.84
CA LEU A 67 18.40 3.79 -1.74
C LEU A 67 18.37 5.22 -2.31
N LEU A 68 17.54 6.07 -1.72
CA LEU A 68 17.40 7.46 -2.15
C LEU A 68 18.01 8.45 -1.16
N LEU A 69 18.77 9.41 -1.70
CA LEU A 69 19.34 10.46 -0.85
C LEU A 69 18.33 11.60 -0.87
N VAL A 70 17.63 11.81 0.24
CA VAL A 70 16.64 12.88 0.32
C VAL A 70 17.28 14.26 0.47
N SER A 71 18.29 14.37 1.32
CA SER A 71 18.95 15.65 1.49
C SER A 71 20.37 15.53 2.03
N CYS A 72 21.20 16.48 1.65
CA CYS A 72 22.58 16.50 2.09
C CYS A 72 23.00 17.97 2.13
N PRO A 73 23.96 18.28 3.00
CA PRO A 73 24.38 19.67 3.21
C PRO A 73 25.10 20.24 1.99
N LYS A 74 25.84 19.38 1.28
CA LYS A 74 26.65 19.82 0.15
C LYS A 74 25.98 19.49 -1.18
N SER A 75 26.79 19.39 -2.22
CA SER A 75 26.28 19.10 -3.56
C SER A 75 26.00 17.62 -3.74
N GLU A 76 26.76 16.78 -3.04
CA GLU A 76 26.65 15.34 -3.17
C GLU A 76 27.08 14.55 -1.94
N VAL A 77 26.91 13.23 -2.04
CA VAL A 77 27.32 12.29 -1.00
C VAL A 77 27.80 11.03 -1.74
N ARG A 78 28.91 10.45 -1.30
CA ARG A 78 29.43 9.23 -1.91
C ARG A 78 29.25 8.09 -0.93
N ALA A 79 28.67 6.98 -1.41
CA ALA A 79 28.44 5.85 -0.52
C ALA A 79 28.34 4.47 -1.14
N LYS A 80 28.78 3.48 -0.35
CA LYS A 80 28.69 2.08 -0.73
C LYS A 80 27.48 1.55 0.03
N PHE A 81 26.77 0.61 -0.56
CA PHE A 81 25.60 0.06 0.13
C PHE A 81 25.42 -1.42 -0.16
N LYS A 82 24.68 -2.06 0.71
CA LYS A 82 24.40 -3.47 0.58
C LYS A 82 22.97 -3.71 1.01
N PHE A 83 22.22 -4.42 0.17
CA PHE A 83 20.83 -4.76 0.46
C PHE A 83 20.76 -6.27 0.66
N SER A 84 19.93 -6.70 1.58
CA SER A 84 19.74 -8.12 1.83
C SER A 84 18.37 -8.31 2.43
N ILE A 85 17.97 -9.56 2.58
CA ILE A 85 16.68 -9.89 3.18
C ILE A 85 16.96 -10.68 4.46
N LEU A 86 16.20 -10.41 5.51
CA LEU A 86 16.36 -11.17 6.75
C LEU A 86 15.34 -12.29 6.72
N ASN A 87 15.79 -13.53 6.89
CA ASN A 87 14.87 -14.66 6.84
C ASN A 87 14.12 -14.97 8.13
N ALA A 88 13.41 -16.08 8.12
CA ALA A 88 12.62 -16.53 9.27
C ALA A 88 13.46 -16.64 10.52
N LYS A 89 14.68 -17.18 10.36
CA LYS A 89 15.59 -17.35 11.48
C LYS A 89 16.36 -16.08 11.86
N GLY A 90 16.04 -14.99 11.17
CA GLY A 90 16.69 -13.72 11.45
C GLY A 90 18.04 -13.52 10.78
N GLU A 91 18.46 -14.50 9.98
CA GLU A 91 19.75 -14.45 9.30
C GLU A 91 19.64 -13.67 7.98
N GLU A 92 20.79 -13.21 7.47
CA GLU A 92 20.84 -12.48 6.20
C GLU A 92 20.93 -13.44 5.02
N THR A 93 20.25 -13.09 3.93
CA THR A 93 20.28 -13.90 2.75
C THR A 93 19.99 -13.01 1.54
N LYS A 94 20.37 -13.50 0.36
CA LYS A 94 20.14 -12.76 -0.87
C LYS A 94 20.76 -11.37 -0.83
N ALA A 95 21.96 -11.29 -0.27
CA ALA A 95 22.65 -10.01 -0.19
C ALA A 95 23.25 -9.66 -1.54
N MET A 96 23.21 -8.37 -1.85
CA MET A 96 23.78 -7.80 -3.07
C MET A 96 24.43 -6.50 -2.60
N GLU A 97 25.64 -6.22 -3.03
CA GLU A 97 26.25 -4.97 -2.61
C GLU A 97 26.81 -4.18 -3.77
N SER A 98 26.82 -2.86 -3.61
CA SER A 98 27.38 -1.98 -4.62
C SER A 98 28.86 -2.34 -4.52
N GLN A 99 29.50 -2.61 -5.64
CA GLN A 99 30.91 -2.98 -5.59
C GLN A 99 31.74 -1.81 -5.08
N ARG A 100 31.44 -0.65 -5.64
CA ARG A 100 32.13 0.58 -5.33
C ARG A 100 31.15 1.53 -4.68
N ALA A 101 31.60 2.74 -4.40
CA ALA A 101 30.73 3.77 -3.82
C ALA A 101 30.09 4.46 -5.01
N TYR A 102 28.89 4.99 -4.81
CA TYR A 102 28.20 5.69 -5.88
C TYR A 102 27.94 7.12 -5.45
N ARG A 103 27.82 7.99 -6.45
CA ARG A 103 27.60 9.41 -6.21
C ARG A 103 26.12 9.76 -6.13
N PHE A 104 25.65 10.05 -4.91
CA PHE A 104 24.28 10.43 -4.66
C PHE A 104 24.20 11.94 -4.63
N VAL A 105 23.06 12.47 -5.08
CA VAL A 105 22.80 13.90 -5.03
C VAL A 105 21.36 13.92 -4.55
N GLN A 106 20.89 15.09 -4.12
CA GLN A 106 19.54 15.24 -3.62
C GLN A 106 18.42 14.84 -4.55
N GLY A 107 17.65 13.83 -4.13
CA GLY A 107 16.55 13.36 -4.94
C GLY A 107 16.92 12.23 -5.87
N LYS A 108 18.19 11.81 -5.84
CA LYS A 108 18.63 10.72 -6.70
C LYS A 108 18.83 9.42 -5.92
N ASP A 109 18.53 8.29 -6.55
CA ASP A 109 18.70 7.00 -5.89
C ASP A 109 19.58 6.05 -6.68
N TRP A 110 20.01 4.98 -6.01
CA TRP A 110 20.83 3.93 -6.62
C TRP A 110 20.36 2.63 -5.97
N GLY A 111 20.51 1.52 -6.69
CA GLY A 111 20.09 0.25 -6.14
C GLY A 111 20.13 -0.84 -7.19
N PHE A 112 19.35 -1.90 -6.95
CA PHE A 112 19.30 -3.04 -7.84
C PHE A 112 17.92 -3.22 -8.47
N LYS A 113 17.86 -3.11 -9.80
CA LYS A 113 16.62 -3.25 -10.55
C LYS A 113 16.06 -4.68 -10.46
N LYS A 114 16.97 -5.65 -10.41
CA LYS A 114 16.61 -7.07 -10.29
C LYS A 114 17.29 -7.62 -9.04
N PHE A 115 16.79 -7.20 -7.89
CA PHE A 115 17.35 -7.63 -6.61
C PHE A 115 17.00 -9.09 -6.29
N ILE A 116 15.76 -9.47 -6.55
CA ILE A 116 15.32 -10.83 -6.31
C ILE A 116 14.02 -11.15 -7.06
N ARG A 117 13.93 -12.38 -7.57
CA ARG A 117 12.76 -12.80 -8.32
C ARG A 117 11.53 -12.99 -7.45
N ARG A 118 10.39 -12.49 -7.92
CA ARG A 118 9.13 -12.62 -7.21
C ARG A 118 8.76 -14.08 -6.98
N ASP A 119 8.92 -14.93 -7.98
CA ASP A 119 8.52 -16.33 -7.78
C ASP A 119 9.34 -17.01 -6.72
N PHE A 120 10.59 -16.62 -6.61
CA PHE A 120 11.47 -17.21 -5.60
C PHE A 120 11.01 -16.77 -4.22
N LEU A 121 10.69 -15.50 -4.10
CA LEU A 121 10.24 -14.96 -2.83
C LEU A 121 8.95 -15.68 -2.41
N LEU A 122 8.04 -15.88 -3.35
CA LEU A 122 6.77 -16.57 -3.06
C LEU A 122 6.97 -18.06 -2.76
N ASP A 123 7.82 -18.73 -3.53
CA ASP A 123 8.04 -20.15 -3.28
C ASP A 123 8.60 -20.41 -1.90
N GLU A 124 9.48 -19.53 -1.45
CA GLU A 124 10.09 -19.65 -0.12
C GLU A 124 9.39 -18.80 0.92
N ALA A 125 8.11 -18.47 0.69
CA ALA A 125 7.35 -17.63 1.61
C ALA A 125 7.48 -18.03 3.08
N ASN A 126 7.48 -19.34 3.36
CA ASN A 126 7.62 -19.79 4.74
C ASN A 126 8.88 -19.19 5.37
N GLY A 127 10.00 -19.26 4.65
CA GLY A 127 11.25 -18.72 5.15
C GLY A 127 11.52 -17.24 4.92
N LEU A 128 11.19 -16.74 3.73
CA LEU A 128 11.44 -15.33 3.41
C LEU A 128 10.31 -14.34 3.67
N LEU A 129 9.12 -14.86 3.97
CA LEU A 129 7.97 -14.00 4.25
C LEU A 129 7.21 -14.50 5.47
N PRO A 130 7.90 -14.64 6.62
CA PRO A 130 7.22 -15.11 7.83
C PRO A 130 6.05 -14.20 8.17
N ASP A 131 4.88 -14.79 8.38
CA ASP A 131 3.65 -14.03 8.66
C ASP A 131 3.38 -13.08 7.51
N ASP A 132 3.92 -13.42 6.34
CA ASP A 132 3.74 -12.61 5.14
C ASP A 132 4.37 -11.22 5.33
N LYS A 133 5.50 -11.19 6.03
CA LYS A 133 6.22 -9.95 6.28
C LYS A 133 7.57 -10.01 5.60
N LEU A 134 7.90 -8.99 4.81
CA LEU A 134 9.18 -8.94 4.13
C LEU A 134 10.08 -7.95 4.88
N THR A 135 11.17 -8.45 5.42
CA THR A 135 12.10 -7.60 6.15
C THR A 135 13.36 -7.34 5.33
N LEU A 136 13.59 -6.09 4.99
CA LEU A 136 14.76 -5.74 4.21
C LEU A 136 15.80 -5.07 5.08
N PHE A 137 17.06 -5.32 4.73
CA PHE A 137 18.19 -4.79 5.47
C PHE A 137 19.09 -3.99 4.52
N CYS A 138 19.42 -2.77 4.89
CA CYS A 138 20.28 -1.94 4.05
C CYS A 138 21.41 -1.38 4.88
N GLU A 139 22.63 -1.81 4.57
CA GLU A 139 23.82 -1.33 5.28
C GLU A 139 24.58 -0.39 4.35
N VAL A 140 24.74 0.84 4.82
CA VAL A 140 25.39 1.92 4.07
C VAL A 140 26.74 2.40 4.64
N SER A 141 27.66 2.75 3.76
CA SER A 141 28.97 3.23 4.16
C SER A 141 29.18 4.58 3.48
N VAL A 142 29.08 5.64 4.28
CA VAL A 142 29.22 6.99 3.79
C VAL A 142 30.69 7.40 3.80
N VAL A 143 31.24 7.59 2.61
CA VAL A 143 32.66 7.93 2.51
C VAL A 143 32.93 9.40 2.25
N GLN A 144 31.88 10.18 2.00
CA GLN A 144 32.12 11.60 1.71
C GLN A 144 30.78 12.27 1.86
N ASP A 145 30.83 13.38 2.58
CA ASP A 145 29.68 14.19 2.88
C ASP A 145 29.41 15.50 2.16
N PRO B 5 28.80 -5.34 -10.81
CA PRO B 5 28.19 -4.16 -11.47
C PRO B 5 26.67 -4.13 -11.38
N ASP B 6 26.05 -3.64 -12.46
CA ASP B 6 24.60 -3.50 -12.59
C ASP B 6 23.84 -2.93 -11.40
N VAL B 7 24.23 -1.71 -11.08
CA VAL B 7 23.62 -0.90 -10.05
C VAL B 7 23.03 0.18 -10.94
N SER B 8 21.78 0.54 -10.71
CA SER B 8 21.17 1.56 -11.54
C SER B 8 20.31 2.49 -10.70
N SER B 9 19.81 3.55 -11.33
CA SER B 9 18.96 4.53 -10.65
C SER B 9 17.54 4.45 -11.20
N SER B 10 16.55 4.71 -10.34
CA SER B 10 15.17 4.69 -10.78
C SER B 10 14.61 6.12 -10.79
N THR B 11 15.44 7.06 -10.34
CA THR B 11 15.06 8.47 -10.29
C THR B 11 15.63 9.15 -11.53
N HIS B 12 16.92 8.91 -11.76
CA HIS B 12 17.62 9.46 -12.91
C HIS B 12 17.71 8.40 -14.00
N SER C 5 -24.82 -28.10 -1.31
CA SER C 5 -25.32 -27.14 -2.33
C SER C 5 -24.22 -26.33 -3.03
N GLY C 6 -23.26 -25.82 -2.27
CA GLY C 6 -22.18 -25.05 -2.87
C GLY C 6 -22.43 -23.56 -3.03
N LYS C 7 -21.95 -22.76 -2.08
CA LYS C 7 -22.14 -21.31 -2.19
C LYS C 7 -20.94 -20.53 -1.66
N VAL C 8 -20.68 -19.36 -2.25
CA VAL C 8 -19.61 -18.51 -1.75
C VAL C 8 -20.31 -17.76 -0.64
N VAL C 9 -19.91 -18.03 0.59
CA VAL C 9 -20.56 -17.44 1.74
C VAL C 9 -19.94 -16.13 2.21
N LYS C 10 -18.72 -15.87 1.76
CA LYS C 10 -18.05 -14.63 2.08
C LYS C 10 -16.90 -14.32 1.14
N PHE C 11 -16.56 -13.05 1.07
CA PHE C 11 -15.45 -12.63 0.25
C PHE C 11 -14.99 -11.26 0.68
N SER C 12 -13.75 -10.95 0.36
CA SER C 12 -13.18 -9.66 0.73
C SER C 12 -12.59 -9.02 -0.51
N TYR C 13 -12.90 -7.74 -0.69
CA TYR C 13 -12.46 -6.96 -1.82
C TYR C 13 -11.59 -5.80 -1.34
N MET C 14 -10.40 -5.69 -1.91
CA MET C 14 -9.45 -4.65 -1.56
C MET C 14 -9.40 -3.65 -2.70
N TRP C 15 -9.57 -2.37 -2.39
CA TRP C 15 -9.58 -1.33 -3.40
C TRP C 15 -8.67 -0.17 -3.06
N THR C 16 -7.66 0.07 -3.90
CA THR C 16 -6.74 1.17 -3.70
C THR C 16 -7.00 2.33 -4.66
N ILE C 17 -7.05 3.52 -4.10
CA ILE C 17 -7.24 4.75 -4.87
C ILE C 17 -5.92 5.50 -4.71
N ASN C 18 -5.21 5.72 -5.83
CA ASN C 18 -3.93 6.41 -5.76
C ASN C 18 -4.09 7.92 -5.78
N ASN C 19 -3.09 8.64 -5.27
CA ASN C 19 -3.13 10.10 -5.23
C ASN C 19 -4.52 10.54 -4.78
N PHE C 20 -4.94 9.99 -3.66
CA PHE C 20 -6.26 10.27 -3.12
C PHE C 20 -6.56 11.74 -2.86
N SER C 21 -5.61 12.44 -2.23
CA SER C 21 -5.80 13.84 -1.92
C SER C 21 -5.96 14.70 -3.19
N PHE C 22 -5.67 14.11 -4.35
CA PHE C 22 -5.80 14.81 -5.62
C PHE C 22 -7.10 14.51 -6.36
N CYS C 23 -7.94 13.64 -5.80
CA CYS C 23 -9.22 13.30 -6.44
C CYS C 23 -10.02 14.55 -6.75
N ARG C 24 -10.41 14.70 -8.02
CA ARG C 24 -11.17 15.86 -8.46
C ARG C 24 -12.65 15.88 -8.08
N GLU C 25 -13.21 14.71 -7.73
CA GLU C 25 -14.62 14.65 -7.35
C GLU C 25 -14.92 15.66 -6.24
N GLU C 26 -15.97 16.44 -6.44
CA GLU C 26 -16.37 17.44 -5.45
C GLU C 26 -17.51 16.84 -4.62
N MET C 27 -17.96 17.55 -3.59
CA MET C 27 -19.05 17.07 -2.74
C MET C 27 -20.18 16.46 -3.56
N GLY C 28 -20.69 15.31 -3.11
CA GLY C 28 -21.77 14.68 -3.84
C GLY C 28 -21.35 13.88 -5.05
N GLU C 29 -20.13 14.10 -5.54
CA GLU C 29 -19.64 13.33 -6.67
C GLU C 29 -19.10 12.01 -6.15
N VAL C 30 -19.10 10.99 -7.00
CA VAL C 30 -18.68 9.68 -6.57
C VAL C 30 -17.61 9.03 -7.42
N ILE C 31 -16.79 8.21 -6.78
CA ILE C 31 -15.75 7.46 -7.47
C ILE C 31 -16.22 6.01 -7.36
N LYS C 32 -16.30 5.29 -8.47
CA LYS C 32 -16.74 3.91 -8.37
C LYS C 32 -15.60 2.98 -8.72
N SER C 33 -15.62 1.78 -8.16
CA SER C 33 -14.58 0.83 -8.44
C SER C 33 -15.07 -0.07 -9.56
N SER C 34 -14.19 -0.95 -10.00
CA SER C 34 -14.52 -1.89 -11.05
C SER C 34 -15.50 -2.86 -10.37
N THR C 35 -16.50 -3.34 -11.10
CA THR C 35 -17.42 -4.26 -10.48
C THR C 35 -16.72 -5.60 -10.24
N PHE C 36 -17.11 -6.27 -9.17
CA PHE C 36 -16.53 -7.57 -8.84
C PHE C 36 -17.68 -8.54 -8.54
N SER C 37 -17.44 -9.82 -8.81
CA SER C 37 -18.46 -10.85 -8.61
C SER C 37 -18.03 -11.92 -7.63
N SER C 38 -18.96 -12.81 -7.32
CA SER C 38 -18.75 -13.91 -6.39
C SER C 38 -19.91 -14.90 -6.55
N GLY C 39 -19.68 -16.14 -6.14
CA GLY C 39 -20.73 -17.14 -6.22
C GLY C 39 -20.69 -18.02 -7.44
N LYS C 43 -24.91 -16.35 -9.66
CA LYS C 43 -23.74 -15.53 -9.85
C LYS C 43 -24.08 -14.05 -9.57
N LEU C 44 -23.41 -13.47 -8.57
CA LEU C 44 -23.65 -12.06 -8.17
C LEU C 44 -22.62 -11.05 -8.71
N LYS C 45 -23.00 -9.78 -8.78
CA LYS C 45 -22.09 -8.73 -9.28
C LYS C 45 -22.19 -7.48 -8.39
N TRP C 46 -21.03 -6.98 -7.96
CA TRP C 46 -20.98 -5.81 -7.07
C TRP C 46 -19.91 -4.78 -7.43
N CYS C 47 -19.97 -3.63 -6.76
CA CYS C 47 -18.99 -2.55 -6.92
C CYS C 47 -19.11 -1.59 -5.74
N LEU C 48 -18.03 -0.90 -5.44
CA LEU C 48 -18.05 0.06 -4.35
C LEU C 48 -18.17 1.47 -4.90
N ARG C 49 -18.81 2.34 -4.14
CA ARG C 49 -18.93 3.74 -4.52
C ARG C 49 -18.44 4.52 -3.35
N VAL C 50 -17.70 5.57 -3.65
CA VAL C 50 -17.17 6.42 -2.61
C VAL C 50 -17.30 7.89 -2.98
N ASN C 51 -17.68 8.70 -1.99
CA ASN C 51 -17.81 10.15 -2.15
C ASN C 51 -16.64 10.69 -1.33
N PRO C 52 -15.54 11.01 -2.00
CA PRO C 52 -14.35 11.53 -1.33
C PRO C 52 -14.58 12.79 -0.52
N LYS C 53 -15.53 13.59 -0.96
CA LYS C 53 -15.83 14.81 -0.23
C LYS C 53 -17.26 14.78 0.23
N GLY C 54 -17.68 13.63 0.73
CA GLY C 54 -19.04 13.49 1.22
C GLY C 54 -20.08 13.38 0.12
N LEU C 55 -21.14 12.63 0.44
CA LEU C 55 -22.26 12.41 -0.46
C LEU C 55 -23.11 13.66 -0.59
N ASP C 56 -23.15 14.44 0.48
CA ASP C 56 -23.92 15.68 0.53
C ASP C 56 -23.58 16.56 1.71
N GLU C 57 -24.25 17.71 1.76
CA GLU C 57 -24.11 18.72 2.80
C GLU C 57 -23.94 18.16 4.23
N GLU C 58 -24.81 17.23 4.61
CA GLU C 58 -24.73 16.64 5.95
C GLU C 58 -23.41 15.93 6.17
N SER C 59 -22.95 15.23 5.13
CA SER C 59 -21.71 14.48 5.22
C SER C 59 -20.53 15.14 4.54
N LYS C 60 -20.52 16.48 4.50
CA LYS C 60 -19.44 17.21 3.84
C LYS C 60 -18.04 17.09 4.45
N ASP C 61 -17.94 16.75 5.74
CA ASP C 61 -16.62 16.63 6.36
C ASP C 61 -16.17 15.17 6.42
N TYR C 62 -16.89 14.30 5.72
CA TYR C 62 -16.62 12.88 5.74
C TYR C 62 -16.49 12.24 4.37
N LEU C 63 -15.89 11.05 4.37
CA LEU C 63 -15.77 10.26 3.17
C LEU C 63 -17.01 9.37 3.28
N SER C 64 -17.75 9.18 2.18
CA SER C 64 -18.95 8.32 2.19
C SER C 64 -18.64 7.08 1.37
N LEU C 65 -19.02 5.92 1.90
CA LEU C 65 -18.71 4.64 1.27
C LEU C 65 -19.90 3.69 1.23
N TYR C 66 -20.20 3.16 0.06
CA TYR C 66 -21.32 2.25 -0.10
C TYR C 66 -20.97 1.03 -0.91
N LEU C 67 -21.74 -0.02 -0.70
CA LEU C 67 -21.59 -1.28 -1.42
C LEU C 67 -22.82 -1.40 -2.32
N LEU C 68 -22.57 -1.47 -3.62
CA LEU C 68 -23.65 -1.56 -4.59
C LEU C 68 -23.87 -2.93 -5.19
N LEU C 69 -25.13 -3.37 -5.18
CA LEU C 69 -25.47 -4.64 -5.80
C LEU C 69 -25.69 -4.27 -7.27
N VAL C 70 -24.80 -4.74 -8.14
CA VAL C 70 -24.95 -4.42 -9.56
C VAL C 70 -26.04 -5.28 -10.20
N SER C 71 -26.07 -6.56 -9.84
CA SER C 71 -27.09 -7.47 -10.36
C SER C 71 -27.12 -8.82 -9.63
N CYS C 72 -28.31 -9.42 -9.58
CA CYS C 72 -28.49 -10.72 -8.95
C CYS C 72 -29.52 -11.52 -9.74
N PRO C 73 -29.62 -12.83 -9.49
CA PRO C 73 -30.59 -13.65 -10.22
C PRO C 73 -32.05 -13.44 -9.79
N LYS C 74 -32.26 -13.49 -8.48
CA LYS C 74 -33.60 -13.31 -7.94
C LYS C 74 -33.86 -11.85 -7.68
N SER C 75 -34.92 -11.56 -6.95
CA SER C 75 -35.33 -10.19 -6.66
C SER C 75 -34.43 -9.44 -5.69
N GLU C 76 -33.61 -10.16 -4.93
CA GLU C 76 -32.77 -9.49 -3.97
C GLU C 76 -31.71 -10.39 -3.35
N VAL C 77 -30.85 -9.75 -2.56
CA VAL C 77 -29.76 -10.44 -1.88
C VAL C 77 -29.70 -9.89 -0.47
N ARG C 78 -29.53 -10.79 0.49
CA ARG C 78 -29.41 -10.41 1.89
C ARG C 78 -27.93 -10.54 2.22
N ALA C 79 -27.28 -9.46 2.63
CA ALA C 79 -25.86 -9.56 2.95
C ALA C 79 -25.35 -8.62 4.03
N LYS C 80 -24.42 -9.14 4.83
CA LYS C 80 -23.79 -8.35 5.86
C LYS C 80 -22.56 -7.79 5.17
N PHE C 81 -22.06 -6.66 5.65
CA PHE C 81 -20.86 -6.08 5.08
C PHE C 81 -20.08 -5.29 6.11
N LYS C 82 -18.77 -5.24 5.90
CA LYS C 82 -17.86 -4.54 6.78
C LYS C 82 -16.86 -3.77 5.94
N PHE C 83 -16.73 -2.48 6.26
CA PHE C 83 -15.79 -1.59 5.57
C PHE C 83 -14.63 -1.28 6.50
N SER C 84 -13.45 -1.20 5.92
CA SER C 84 -12.26 -0.87 6.70
C SER C 84 -11.17 -0.26 5.82
N ILE C 85 -10.16 0.28 6.48
CA ILE C 85 -9.04 0.89 5.81
C ILE C 85 -7.78 0.11 6.15
N LEU C 86 -6.90 -0.04 5.17
CA LEU C 86 -5.64 -0.73 5.41
C LEU C 86 -4.62 0.37 5.67
N ASN C 87 -4.12 0.44 6.91
CA ASN C 87 -3.16 1.48 7.27
C ASN C 87 -1.75 1.28 6.74
N ALA C 88 -0.92 2.29 6.96
CA ALA C 88 0.48 2.30 6.53
C ALA C 88 1.20 1.00 6.85
N LYS C 89 0.99 0.50 8.07
CA LYS C 89 1.63 -0.74 8.52
C LYS C 89 0.83 -2.00 8.17
N GLY C 90 0.21 -2.00 6.99
CA GLY C 90 -0.56 -3.15 6.55
C GLY C 90 -1.58 -3.71 7.52
N GLU C 91 -2.19 -2.87 8.35
CA GLU C 91 -3.18 -3.38 9.30
C GLU C 91 -4.57 -2.80 9.02
N GLU C 92 -5.60 -3.57 9.33
CA GLU C 92 -6.97 -3.14 9.12
C GLU C 92 -7.38 -2.19 10.25
N THR C 93 -8.04 -1.09 9.89
CA THR C 93 -8.45 -0.14 10.90
C THR C 93 -9.73 0.60 10.51
N LYS C 94 -10.28 1.36 11.46
CA LYS C 94 -11.50 2.14 11.23
C LYS C 94 -12.63 1.30 10.61
N ALA C 95 -12.82 0.09 11.09
CA ALA C 95 -13.85 -0.78 10.57
C ALA C 95 -15.25 -0.40 11.01
N MET C 96 -16.18 -0.48 10.08
CA MET C 96 -17.59 -0.20 10.34
C MET C 96 -18.34 -1.36 9.69
N GLU C 97 -19.18 -2.04 10.47
CA GLU C 97 -19.93 -3.16 9.93
C GLU C 97 -21.42 -3.06 10.13
N SER C 98 -22.15 -3.59 9.16
CA SER C 98 -23.59 -3.66 9.20
C SER C 98 -23.83 -4.97 9.93
N GLN C 99 -24.08 -4.89 11.22
CA GLN C 99 -24.30 -6.09 12.04
C GLN C 99 -25.23 -7.11 11.40
N ARG C 100 -26.38 -6.63 10.91
CA ARG C 100 -27.36 -7.49 10.28
C ARG C 100 -27.20 -7.48 8.78
N ALA C 101 -27.88 -8.40 8.12
CA ALA C 101 -27.84 -8.51 6.67
C ALA C 101 -28.91 -7.61 6.08
N TYR C 102 -28.49 -6.71 5.19
CA TYR C 102 -29.44 -5.81 4.57
C TYR C 102 -29.99 -6.38 3.29
N ARG C 103 -31.17 -5.91 2.95
CA ARG C 103 -31.86 -6.35 1.75
C ARG C 103 -31.37 -5.52 0.56
N PHE C 104 -30.57 -6.14 -0.30
CA PHE C 104 -30.02 -5.49 -1.48
C PHE C 104 -30.81 -5.90 -2.73
N VAL C 105 -31.15 -4.92 -3.56
CA VAL C 105 -31.88 -5.19 -4.80
C VAL C 105 -31.06 -4.62 -5.94
N GLN C 106 -31.14 -5.27 -7.10
CA GLN C 106 -30.40 -4.85 -8.28
C GLN C 106 -30.40 -3.35 -8.53
N GLY C 107 -29.23 -2.74 -8.37
CA GLY C 107 -29.12 -1.31 -8.59
C GLY C 107 -29.13 -0.45 -7.35
N LYS C 108 -29.13 -1.07 -6.18
CA LYS C 108 -29.14 -0.30 -4.94
C LYS C 108 -27.95 -0.59 -4.03
N ASP C 109 -27.56 0.41 -3.25
CA ASP C 109 -26.43 0.24 -2.33
C ASP C 109 -26.79 0.55 -0.89
N TRP C 110 -25.88 0.16 0.00
CA TRP C 110 -26.01 0.37 1.43
C TRP C 110 -24.60 0.74 1.88
N GLY C 111 -24.50 1.59 2.89
CA GLY C 111 -23.19 1.99 3.36
C GLY C 111 -23.24 3.02 4.46
N PHE C 112 -22.11 3.69 4.68
CA PHE C 112 -21.97 4.71 5.71
C PHE C 112 -21.63 6.08 5.14
N LYS C 113 -22.55 7.02 5.31
CA LYS C 113 -22.38 8.39 4.81
C LYS C 113 -21.24 9.10 5.54
N LYS C 114 -21.02 8.74 6.79
CA LYS C 114 -19.95 9.33 7.57
C LYS C 114 -19.01 8.22 8.00
N PHE C 115 -18.38 7.58 7.02
CA PHE C 115 -17.47 6.48 7.31
C PHE C 115 -16.24 7.00 8.03
N ILE C 116 -15.67 8.08 7.53
CA ILE C 116 -14.50 8.65 8.17
C ILE C 116 -14.38 10.14 7.86
N ARG C 117 -13.84 10.86 8.83
CA ARG C 117 -13.63 12.30 8.73
C ARG C 117 -12.47 12.57 7.77
N ARG C 118 -12.70 13.44 6.79
CA ARG C 118 -11.66 13.79 5.82
C ARG C 118 -10.43 14.38 6.50
N ASP C 119 -10.67 15.33 7.40
CA ASP C 119 -9.63 16.00 8.17
C ASP C 119 -8.67 14.99 8.82
N PHE C 120 -9.22 13.94 9.40
CA PHE C 120 -8.41 12.91 10.05
C PHE C 120 -7.68 12.06 8.99
N LEU C 121 -8.46 11.59 8.03
CA LEU C 121 -7.94 10.79 6.95
C LEU C 121 -6.77 11.47 6.21
N LEU C 122 -7.00 12.71 5.75
CA LEU C 122 -6.00 13.47 4.99
C LEU C 122 -4.66 13.75 5.66
N ASP C 123 -4.64 13.81 6.98
CA ASP C 123 -3.39 14.06 7.68
C ASP C 123 -2.58 12.76 7.58
N GLU C 124 -1.67 12.71 6.60
CA GLU C 124 -0.86 11.51 6.40
C GLU C 124 -0.17 11.01 7.66
N ALA C 125 -0.06 11.85 8.67
CA ALA C 125 0.58 11.46 9.92
C ALA C 125 -0.26 10.42 10.64
N ASN C 126 -1.54 10.33 10.30
CA ASN C 126 -2.42 9.36 10.93
C ASN C 126 -2.23 7.95 10.37
N GLY C 127 -1.27 7.82 9.45
CA GLY C 127 -0.94 6.53 8.86
C GLY C 127 -1.95 5.82 7.96
N LEU C 128 -2.92 6.55 7.40
CA LEU C 128 -3.92 5.91 6.55
C LEU C 128 -3.81 6.25 5.07
N LEU C 129 -2.85 7.10 4.73
CA LEU C 129 -2.67 7.49 3.35
C LEU C 129 -1.22 7.36 2.91
N PRO C 130 -0.64 6.15 3.04
CA PRO C 130 0.76 5.97 2.63
C PRO C 130 1.01 6.32 1.16
N ASP C 131 1.98 7.20 0.93
CA ASP C 131 2.31 7.63 -0.43
C ASP C 131 1.06 8.14 -1.13
N ASP C 132 0.15 8.70 -0.33
CA ASP C 132 -1.12 9.27 -0.78
C ASP C 132 -2.09 8.29 -1.41
N LYS C 133 -1.97 7.02 -1.06
CA LYS C 133 -2.83 5.97 -1.59
C LYS C 133 -3.82 5.53 -0.51
N LEU C 134 -5.09 5.49 -0.84
CA LEU C 134 -6.10 5.03 0.10
C LEU C 134 -6.51 3.60 -0.26
N THR C 135 -6.40 2.69 0.70
CA THR C 135 -6.79 1.31 0.45
C THR C 135 -7.95 0.92 1.35
N LEU C 136 -9.08 0.63 0.72
CA LEU C 136 -10.28 0.23 1.43
C LEU C 136 -10.48 -1.27 1.32
N PHE C 137 -11.07 -1.83 2.38
CA PHE C 137 -11.36 -3.26 2.49
C PHE C 137 -12.87 -3.41 2.70
N CYS C 138 -13.50 -4.30 1.92
CA CYS C 138 -14.92 -4.58 2.05
C CYS C 138 -15.16 -6.09 2.12
N GLU C 139 -15.66 -6.54 3.26
CA GLU C 139 -15.96 -7.94 3.47
C GLU C 139 -17.48 -8.11 3.40
N VAL C 140 -17.92 -8.91 2.43
CA VAL C 140 -19.35 -9.15 2.21
C VAL C 140 -19.74 -10.59 2.51
N SER C 141 -20.72 -10.76 3.39
CA SER C 141 -21.24 -12.07 3.78
C SER C 141 -22.63 -12.20 3.19
N VAL C 142 -22.81 -13.11 2.24
CA VAL C 142 -24.10 -13.31 1.62
C VAL C 142 -24.96 -14.27 2.44
N VAL C 143 -26.07 -13.76 2.96
CA VAL C 143 -26.99 -14.56 3.76
C VAL C 143 -27.99 -15.31 2.87
N GLN C 144 -28.34 -14.69 1.73
CA GLN C 144 -29.29 -15.34 0.82
C GLN C 144 -29.20 -14.75 -0.58
N ASP C 145 -29.02 -15.62 -1.58
CA ASP C 145 -28.93 -15.18 -2.97
C ASP C 145 -30.31 -15.16 -3.62
N PRO D 5 -24.50 0.46 13.70
CA PRO D 5 -24.06 1.77 13.16
C PRO D 5 -25.02 2.32 12.11
N ASP D 6 -24.91 3.61 11.83
CA ASP D 6 -25.76 4.28 10.85
C ASP D 6 -25.54 3.77 9.44
N VAL D 7 -26.51 3.02 8.93
CA VAL D 7 -26.44 2.47 7.59
C VAL D 7 -27.47 3.15 6.71
N SER D 8 -27.00 3.69 5.58
CA SER D 8 -27.90 4.38 4.66
C SER D 8 -27.68 3.93 3.24
N SER D 9 -28.33 4.62 2.31
CA SER D 9 -28.24 4.32 0.89
C SER D 9 -28.04 5.64 0.13
N SER D 10 -27.13 5.68 -0.83
CA SER D 10 -26.90 6.89 -1.58
C SER D 10 -27.86 6.78 -2.73
N THR D 11 -28.89 6.00 -2.50
CA THR D 11 -29.70 5.55 -3.59
C THR D 11 -31.12 5.13 -3.20
#